data_2Z6I
#
_entry.id   2Z6I
#
_cell.length_a   50.386
_cell.length_b   126.895
_cell.length_c   53.335
_cell.angle_alpha   90.00
_cell.angle_beta   111.54
_cell.angle_gamma   90.00
#
_symmetry.space_group_name_H-M   'P 1 21 1'
#
loop_
_entity.id
_entity.type
_entity.pdbx_description
1 polymer 'Trans-2-enoyl-ACP reductase II'
2 non-polymer 'CALCIUM ION'
3 non-polymer 'FLAVIN MONONUCLEOTIDE'
4 non-polymer (4S)-2-METHYL-2,4-PENTANEDIOL
5 water water
#
_entity_poly.entity_id   1
_entity_poly.type   'polypeptide(L)'
_entity_poly.pdbx_seq_one_letter_code
;(MSE)KTRITELLKIDYPIFQGG(MSE)AWVADGDLAGAVSKAGGLGIIGGGNAPKEVVKANIDKIKSLTDKPFGVNI
(MSE)LLSPFVEDIVDLVIEEGVKVVTTGAGNPSKY(MSE)ERFHEAGIIVIPVVPSVALAKR(MSE)EKIGADAVIAEG
(MSE)EAGGHIGKLTT(MSE)TLVRQVATAISIPVIAAGGIADGEGAAAGF(MSE)LGAEAVQVGTRFVVAKESNAHPNY
KEKILKARDIDTTISAQHFGHAVRAIKNQLTRDFELAEKDAFKQEDPDLEIFEQ(MSE)GAGALAKAVVHGDVDGGSV
(MSE)AGQIAGLVSKEETAEEILKDLYYGAAKKIQEEASRWTGVVRNDLEHHHHHH
;
_entity_poly.pdbx_strand_id   A,B
#
# COMPACT_ATOMS: atom_id res chain seq x y z
N LYS A 2 25.59 2.73 5.49
CA LYS A 2 25.55 3.76 4.45
C LYS A 2 24.59 3.37 3.33
N THR A 3 23.99 4.38 2.73
CA THR A 3 23.22 4.20 1.50
C THR A 3 23.64 5.27 0.53
N ARG A 4 23.26 5.11 -0.73
CA ARG A 4 23.60 6.11 -1.72
C ARG A 4 23.01 7.48 -1.37
N ILE A 5 21.91 7.48 -0.60
CA ILE A 5 21.28 8.71 -0.15
C ILE A 5 22.07 9.38 0.98
N THR A 6 22.52 8.61 1.97
CA THR A 6 23.32 9.20 3.05
C THR A 6 24.59 9.82 2.45
N GLU A 7 25.14 9.16 1.42
CA GLU A 7 26.40 9.60 0.83
C GLU A 7 26.24 10.79 -0.12
N LEU A 8 25.16 10.79 -0.88
CA LEU A 8 24.89 11.90 -1.80
C LEU A 8 24.55 13.18 -1.04
N LEU A 9 23.73 13.04 0.00
CA LEU A 9 23.22 14.20 0.73
C LEU A 9 24.06 14.59 1.96
N LYS A 10 25.01 13.74 2.33
CA LYS A 10 25.87 13.94 3.51
C LYS A 10 25.08 14.11 4.82
N ILE A 11 24.19 13.16 5.09
CA ILE A 11 23.36 13.14 6.29
C ILE A 11 23.58 11.83 7.04
N ASP A 12 23.32 11.83 8.34
CA ASP A 12 23.62 10.65 9.16
C ASP A 12 22.55 9.56 9.03
N TYR A 13 21.28 9.98 8.97
CA TYR A 13 20.18 9.01 8.86
C TYR A 13 19.54 9.10 7.47
N PRO A 14 19.23 7.93 6.86
CA PRO A 14 18.55 7.88 5.56
C PRO A 14 17.05 8.14 5.72
N ILE A 15 16.71 9.27 6.34
CA ILE A 15 15.33 9.60 6.67
C ILE A 15 15.06 11.05 6.30
N PHE A 16 14.02 11.26 5.49
CA PHE A 16 13.56 12.61 5.17
C PHE A 16 12.32 12.88 5.99
N GLN A 17 12.21 14.10 6.51
CA GLN A 17 10.94 14.60 7.00
C GLN A 17 10.32 15.27 5.79
N GLY A 18 9.20 14.73 5.32
CA GLY A 18 8.61 15.17 4.05
C GLY A 18 8.22 16.64 4.03
N GLY A 19 8.48 17.33 2.92
CA GLY A 19 8.03 18.70 2.75
C GLY A 19 6.52 18.67 2.85
N ALA A 21 3.17 21.44 3.04
CA ALA A 21 2.63 22.79 3.10
C ALA A 21 2.12 23.13 4.52
N TRP A 22 2.46 24.34 4.99
CA TRP A 22 2.07 24.87 6.29
C TRP A 22 2.74 24.21 7.50
N VAL A 23 2.80 22.88 7.51
CA VAL A 23 3.41 22.15 8.61
C VAL A 23 4.96 22.21 8.61
N ALA A 24 5.55 22.08 7.44
CA ALA A 24 7.01 21.98 7.35
C ALA A 24 7.65 23.36 7.26
N ASP A 25 7.66 24.07 8.38
CA ASP A 25 8.33 25.37 8.48
C ASP A 25 9.77 25.19 8.95
N GLY A 26 10.49 26.30 9.11
CA GLY A 26 11.89 26.27 9.55
C GLY A 26 12.17 25.55 10.85
N ASP A 27 11.28 25.69 11.83
CA ASP A 27 11.42 25.04 13.13
C ASP A 27 11.42 23.53 13.01
N LEU A 28 10.40 22.98 12.35
CA LEU A 28 10.32 21.53 12.19
C LEU A 28 11.49 20.98 11.36
N ALA A 29 11.70 21.53 10.16
CA ALA A 29 12.77 21.11 9.27
C ALA A 29 14.14 21.23 9.95
N GLY A 30 14.37 22.35 10.63
CA GLY A 30 15.58 22.58 11.40
C GLY A 30 15.85 21.50 12.43
N ALA A 31 14.82 21.14 13.20
CA ALA A 31 14.92 20.11 14.23
C ALA A 31 15.35 18.74 13.65
N VAL A 32 14.77 18.39 12.49
CA VAL A 32 15.07 17.12 11.81
C VAL A 32 16.51 17.11 11.28
N SER A 33 16.90 18.18 10.59
CA SER A 33 18.26 18.32 10.05
C SER A 33 19.33 18.34 11.16
N LYS A 34 19.06 19.09 12.22
CA LYS A 34 19.97 19.12 13.37
C LYS A 34 20.20 17.73 13.95
N ALA A 35 19.13 16.94 14.02
CA ALA A 35 19.18 15.59 14.60
C ALA A 35 19.88 14.54 13.71
N GLY A 36 20.06 14.85 12.43
CA GLY A 36 20.80 13.96 11.51
C GLY A 36 20.05 13.43 10.30
N GLY A 37 18.75 13.74 10.22
CA GLY A 37 17.95 13.45 9.03
C GLY A 37 17.95 14.59 8.06
N LEU A 38 17.10 14.52 7.04
CA LEU A 38 16.94 15.64 6.13
C LEU A 38 15.62 16.34 6.44
N GLY A 39 15.69 17.50 7.09
CA GLY A 39 14.53 18.40 7.18
C GLY A 39 14.20 19.01 5.83
N ILE A 40 12.91 19.17 5.53
CA ILE A 40 12.49 19.73 4.24
C ILE A 40 11.43 20.77 4.48
N ILE A 41 11.68 22.00 4.03
CA ILE A 41 10.68 23.06 4.12
C ILE A 41 9.61 22.91 3.05
N GLY A 42 8.36 23.04 3.47
CA GLY A 42 7.23 22.97 2.54
C GLY A 42 6.95 24.33 1.94
N GLY A 43 7.39 24.51 0.69
CA GLY A 43 7.15 25.75 -0.04
C GLY A 43 5.68 26.02 -0.32
N GLY A 44 4.91 24.96 -0.58
CA GLY A 44 3.49 25.07 -0.92
C GLY A 44 3.22 26.19 -1.91
N ASN A 45 2.22 27.01 -1.63
CA ASN A 45 1.93 28.17 -2.47
C ASN A 45 2.40 29.48 -1.82
N ALA A 46 3.39 29.40 -0.94
CA ALA A 46 3.92 30.59 -0.27
C ALA A 46 4.72 31.45 -1.25
N PRO A 47 4.61 32.78 -1.12
CA PRO A 47 5.49 33.64 -1.90
C PRO A 47 6.91 33.65 -1.31
N LYS A 48 7.84 34.21 -2.08
CA LYS A 48 9.26 34.21 -1.76
C LYS A 48 9.59 34.64 -0.33
N GLU A 49 9.01 35.74 0.13
CA GLU A 49 9.34 36.29 1.44
C GLU A 49 9.00 35.33 2.58
N VAL A 50 7.93 34.55 2.41
CA VAL A 50 7.52 33.55 3.41
C VAL A 50 8.50 32.36 3.45
N VAL A 51 8.82 31.81 2.29
CA VAL A 51 9.75 30.71 2.20
C VAL A 51 11.13 31.16 2.68
N LYS A 52 11.54 32.37 2.33
CA LYS A 52 12.82 32.90 2.80
C LYS A 52 12.88 32.96 4.33
N ALA A 53 11.79 33.38 4.96
CA ALA A 53 11.68 33.37 6.42
C ALA A 53 12.01 31.99 7.02
N ASN A 54 11.45 30.93 6.43
CA ASN A 54 11.72 29.57 6.89
C ASN A 54 13.18 29.14 6.67
N ILE A 55 13.75 29.56 5.56
CA ILE A 55 15.15 29.24 5.26
C ILE A 55 16.07 29.98 6.23
N ASP A 56 15.79 31.26 6.48
CA ASP A 56 16.54 32.03 7.47
C ASP A 56 16.50 31.30 8.81
N LYS A 57 15.31 30.85 9.19
CA LYS A 57 15.09 30.19 10.48
C LYS A 57 15.91 28.92 10.59
N ILE A 58 15.89 28.09 9.54
CA ILE A 58 16.62 26.82 9.61
C ILE A 58 18.13 27.04 9.68
N LYS A 59 18.63 27.97 8.88
CA LYS A 59 20.05 28.33 8.88
C LYS A 59 20.51 28.85 10.25
N SER A 60 19.60 29.51 10.99
CA SER A 60 19.88 29.95 12.35
C SER A 60 19.94 28.80 13.37
N LEU A 61 19.34 27.66 13.01
CA LEU A 61 19.19 26.51 13.91
C LEU A 61 20.27 25.45 13.72
N THR A 62 20.74 25.28 12.49
CA THR A 62 21.66 24.22 12.13
C THR A 62 22.43 24.57 10.86
N ASP A 63 23.63 24.01 10.70
CA ASP A 63 24.39 24.19 9.47
C ASP A 63 24.35 22.92 8.59
N LYS A 64 23.60 21.92 9.06
CA LYS A 64 23.49 20.64 8.37
C LYS A 64 22.57 20.73 7.16
N PRO A 65 22.66 19.77 6.21
CA PRO A 65 21.89 19.90 5.00
C PRO A 65 20.39 19.88 5.27
N PHE A 66 19.65 20.58 4.42
CA PHE A 66 18.20 20.59 4.44
C PHE A 66 17.63 20.74 3.03
N GLY A 67 16.36 20.38 2.90
CA GLY A 67 15.69 20.47 1.62
C GLY A 67 14.63 21.54 1.62
N VAL A 68 14.21 21.92 0.42
CA VAL A 68 13.00 22.70 0.20
C VAL A 68 12.15 21.96 -0.82
N ASN A 69 10.88 21.74 -0.50
CA ASN A 69 9.91 21.13 -1.40
C ASN A 69 9.20 22.22 -2.21
N ILE A 70 9.36 22.18 -3.53
CA ILE A 70 8.75 23.17 -4.40
C ILE A 70 7.52 22.58 -5.09
N LEU A 72 5.33 22.96 -8.09
CA LEU A 72 5.65 23.53 -9.40
C LEU A 72 4.52 24.30 -10.08
N LEU A 73 3.30 24.10 -9.60
CA LEU A 73 2.13 24.79 -10.14
C LEU A 73 1.74 26.00 -9.30
N SER A 74 2.55 26.31 -8.30
CA SER A 74 2.38 27.53 -7.50
C SER A 74 2.50 28.75 -8.40
N PRO A 75 1.68 29.79 -8.15
CA PRO A 75 1.86 31.01 -8.94
C PRO A 75 3.21 31.67 -8.69
N PHE A 76 3.86 31.29 -7.59
CA PHE A 76 5.15 31.86 -7.19
C PHE A 76 6.34 30.93 -7.47
N VAL A 77 6.09 29.86 -8.22
CA VAL A 77 7.15 28.87 -8.53
C VAL A 77 8.47 29.49 -9.03
N GLU A 78 8.37 30.46 -9.92
CA GLU A 78 9.60 31.09 -10.45
C GLU A 78 10.41 31.77 -9.35
N ASP A 79 9.73 32.42 -8.40
CA ASP A 79 10.39 33.05 -7.26
C ASP A 79 11.01 32.05 -6.29
N ILE A 80 10.34 30.91 -6.09
CA ILE A 80 10.83 29.87 -5.16
C ILE A 80 12.06 29.17 -5.75
N VAL A 81 12.04 28.92 -7.05
CA VAL A 81 13.22 28.44 -7.77
C VAL A 81 14.42 29.40 -7.60
N ASP A 82 14.20 30.69 -7.84
CA ASP A 82 15.20 31.72 -7.55
C ASP A 82 15.74 31.62 -6.13
N LEU A 83 14.83 31.56 -5.16
CA LEU A 83 15.18 31.60 -3.76
C LEU A 83 16.11 30.45 -3.34
N VAL A 84 15.79 29.22 -3.76
CA VAL A 84 16.61 28.09 -3.30
C VAL A 84 18.03 28.14 -3.86
N ILE A 85 18.16 28.63 -5.08
CA ILE A 85 19.45 28.88 -5.71
C ILE A 85 20.18 30.02 -5.00
N GLU A 86 19.49 31.14 -4.78
CA GLU A 86 20.07 32.30 -4.09
C GLU A 86 20.60 31.95 -2.71
N GLU A 87 19.87 31.08 -2.00
CA GLU A 87 20.18 30.74 -0.61
C GLU A 87 21.12 29.53 -0.47
N GLY A 88 21.48 28.91 -1.58
CA GLY A 88 22.40 27.78 -1.54
C GLY A 88 21.79 26.54 -0.92
N VAL A 89 20.50 26.32 -1.14
CA VAL A 89 19.83 25.12 -0.63
C VAL A 89 20.43 23.84 -1.23
N LYS A 90 20.71 22.84 -0.39
CA LYS A 90 21.39 21.62 -0.86
C LYS A 90 20.51 20.69 -1.69
N VAL A 91 19.24 20.59 -1.31
CA VAL A 91 18.33 19.61 -1.91
C VAL A 91 17.00 20.24 -2.26
N VAL A 92 16.47 19.92 -3.43
CA VAL A 92 15.10 20.31 -3.75
C VAL A 92 14.28 19.05 -4.04
N THR A 93 13.11 18.94 -3.41
CA THR A 93 12.12 17.94 -3.81
C THR A 93 11.00 18.69 -4.50
N THR A 94 10.31 18.01 -5.42
CA THR A 94 9.25 18.64 -6.21
C THR A 94 8.00 17.76 -6.22
N GLY A 95 6.84 18.39 -6.06
CA GLY A 95 5.55 17.70 -6.20
C GLY A 95 5.15 17.49 -7.64
N ALA A 96 3.85 17.45 -7.91
CA ALA A 96 3.31 17.26 -9.26
C ALA A 96 3.40 18.53 -10.10
N GLY A 97 3.99 18.39 -11.29
CA GLY A 97 4.32 19.48 -12.21
C GLY A 97 5.34 18.96 -13.20
N ASN A 98 6.21 19.84 -13.70
CA ASN A 98 7.24 19.45 -14.66
C ASN A 98 8.63 19.93 -14.26
N PRO A 99 9.38 19.12 -13.48
CA PRO A 99 10.73 19.53 -13.08
C PRO A 99 11.70 19.79 -14.25
N SER A 100 11.41 19.27 -15.44
CA SER A 100 12.32 19.41 -16.59
C SER A 100 12.62 20.86 -16.97
N LYS A 101 11.67 21.75 -16.71
CA LYS A 101 11.81 23.19 -16.93
C LYS A 101 12.97 23.80 -16.12
N TYR A 102 13.32 23.17 -14.99
CA TYR A 102 14.26 23.75 -14.02
C TYR A 102 15.51 22.92 -13.77
N GLU A 104 18.30 21.71 -15.46
CA GLU A 104 19.64 22.17 -15.78
C GLU A 104 20.04 23.38 -14.92
N ARG A 105 19.08 24.26 -14.64
CA ARG A 105 19.31 25.42 -13.76
C ARG A 105 19.70 25.02 -12.34
N PHE A 106 18.94 24.08 -11.77
CA PHE A 106 19.25 23.51 -10.48
C PHE A 106 20.65 22.88 -10.46
N HIS A 107 20.96 22.12 -11.49
CA HIS A 107 22.25 21.44 -11.54
C HIS A 107 23.41 22.39 -11.79
N GLU A 108 23.19 23.43 -12.58
CA GLU A 108 24.22 24.47 -12.78
C GLU A 108 24.51 25.20 -11.47
N ALA A 109 23.54 25.23 -10.56
CA ALA A 109 23.74 25.80 -9.23
C ALA A 109 24.27 24.80 -8.19
N GLY A 110 24.36 23.53 -8.56
CA GLY A 110 24.84 22.47 -7.66
C GLY A 110 23.81 21.87 -6.71
N ILE A 111 22.54 22.04 -7.03
CA ILE A 111 21.46 21.51 -6.18
C ILE A 111 21.15 20.06 -6.57
N ILE A 112 20.86 19.24 -5.56
CA ILE A 112 20.44 17.85 -5.77
C ILE A 112 18.92 17.86 -5.93
N VAL A 113 18.41 17.23 -6.98
CA VAL A 113 16.98 17.34 -7.34
C VAL A 113 16.27 15.99 -7.27
N ILE A 114 15.24 15.94 -6.42
CA ILE A 114 14.53 14.69 -6.10
C ILE A 114 13.00 14.85 -6.30
N PRO A 115 12.51 14.58 -7.52
CA PRO A 115 11.08 14.67 -7.78
C PRO A 115 10.26 13.56 -7.05
N VAL A 116 9.05 13.91 -6.63
CA VAL A 116 8.08 12.91 -6.18
C VAL A 116 7.37 12.33 -7.41
N VAL A 117 7.30 10.99 -7.49
CA VAL A 117 6.74 10.33 -8.68
C VAL A 117 5.63 9.35 -8.32
N PRO A 118 4.58 9.27 -9.15
CA PRO A 118 3.47 8.35 -8.89
C PRO A 118 3.45 7.10 -9.77
N SER A 119 4.47 6.89 -10.59
CA SER A 119 4.43 5.82 -11.60
C SER A 119 5.81 5.47 -12.14
N VAL A 120 5.92 4.29 -12.72
CA VAL A 120 7.17 3.81 -13.29
C VAL A 120 7.57 4.68 -14.48
N ALA A 121 6.61 4.98 -15.37
CA ALA A 121 6.89 5.82 -16.53
C ALA A 121 7.43 7.19 -16.09
N LEU A 122 6.83 7.78 -15.06
CA LEU A 122 7.30 9.07 -14.56
C LEU A 122 8.68 8.99 -13.89
N ALA A 123 8.93 7.92 -13.12
CA ALA A 123 10.25 7.70 -12.55
C ALA A 123 11.34 7.57 -13.62
N LYS A 124 11.04 6.84 -14.69
CA LYS A 124 11.97 6.67 -15.80
C LYS A 124 12.27 7.99 -16.52
N ARG A 125 11.24 8.78 -16.78
CA ARG A 125 11.39 10.11 -17.36
C ARG A 125 12.25 11.02 -16.47
N GLU A 127 14.47 10.11 -14.28
CA GLU A 127 15.84 9.62 -14.44
C GLU A 127 16.47 10.14 -15.75
N LYS A 128 15.71 10.05 -16.84
CA LYS A 128 16.17 10.43 -18.19
C LYS A 128 16.55 11.91 -18.28
N ILE A 129 15.80 12.78 -17.60
CA ILE A 129 16.06 14.22 -17.64
C ILE A 129 17.12 14.66 -16.62
N GLY A 130 17.60 13.71 -15.82
CA GLY A 130 18.75 13.93 -14.95
C GLY A 130 18.50 14.02 -13.46
N ALA A 131 17.31 13.65 -13.00
CA ALA A 131 17.01 13.66 -11.56
C ALA A 131 18.03 12.83 -10.78
N ASP A 132 18.42 13.32 -9.60
CA ASP A 132 19.45 12.64 -8.79
C ASP A 132 18.90 11.44 -8.02
N ALA A 133 17.59 11.47 -7.78
CA ALA A 133 16.87 10.42 -7.06
C ALA A 133 15.40 10.70 -7.26
N VAL A 134 14.55 9.77 -6.87
CA VAL A 134 13.11 10.04 -6.88
C VAL A 134 12.48 9.54 -5.57
N ILE A 135 11.41 10.20 -5.15
CA ILE A 135 10.60 9.74 -4.04
C ILE A 135 9.35 9.06 -4.60
N ALA A 136 9.21 7.77 -4.31
CA ALA A 136 8.02 7.03 -4.72
C ALA A 136 7.01 7.07 -3.60
N GLU A 137 5.98 7.89 -3.77
CA GLU A 137 5.01 8.10 -2.70
C GLU A 137 3.71 7.30 -2.90
N GLY A 138 3.42 6.40 -1.96
CA GLY A 138 2.20 5.58 -2.04
C GLY A 138 0.92 6.38 -1.80
N GLU A 140 -1.31 5.81 0.26
CA GLU A 140 -1.60 5.85 1.72
C GLU A 140 -1.09 7.11 2.40
N ALA A 141 -0.23 7.84 1.72
CA ALA A 141 0.32 9.09 2.24
C ALA A 141 -0.78 10.13 2.49
N GLY A 142 -0.52 11.08 3.37
CA GLY A 142 -1.38 12.25 3.50
C GLY A 142 -1.21 13.21 2.32
N GLY A 143 -2.24 14.01 2.04
CA GLY A 143 -2.15 15.06 1.03
C GLY A 143 -2.58 14.59 -0.34
N HIS A 144 -2.11 15.27 -1.38
CA HIS A 144 -2.40 14.89 -2.77
C HIS A 144 -1.76 13.53 -3.10
N ILE A 145 -2.59 12.57 -3.49
CA ILE A 145 -2.13 11.19 -3.72
C ILE A 145 -2.34 10.69 -5.15
N GLY A 146 -1.51 9.73 -5.56
CA GLY A 146 -1.75 8.99 -6.79
C GLY A 146 -2.62 7.80 -6.47
N LYS A 147 -2.51 6.76 -7.30
CA LYS A 147 -3.35 5.56 -7.18
C LYS A 147 -2.56 4.33 -6.71
N LEU A 148 -1.27 4.28 -6.97
CA LEU A 148 -0.49 3.12 -6.59
C LEU A 148 -0.09 3.20 -5.11
N THR A 149 -0.07 2.05 -4.45
CA THR A 149 0.34 1.95 -3.04
C THR A 149 1.86 1.88 -2.89
N THR A 150 2.32 2.12 -1.67
CA THR A 150 3.76 2.09 -1.40
C THR A 150 4.35 0.72 -1.72
N THR A 152 3.54 -1.53 -3.95
CA THR A 152 3.67 -1.85 -5.37
C THR A 152 4.47 -0.78 -6.13
N LEU A 153 4.28 0.48 -5.76
CA LEU A 153 4.97 1.58 -6.44
C LEU A 153 6.46 1.55 -6.12
N VAL A 154 6.83 1.44 -4.84
CA VAL A 154 8.26 1.47 -4.48
C VAL A 154 9.01 0.30 -5.15
N ARG A 155 8.44 -0.89 -5.05
CA ARG A 155 9.03 -2.07 -5.67
C ARG A 155 9.24 -1.88 -7.16
N GLN A 156 8.20 -1.42 -7.87
CA GLN A 156 8.27 -1.31 -9.32
C GLN A 156 9.18 -0.18 -9.77
N VAL A 157 9.09 0.96 -9.11
CA VAL A 157 10.04 2.07 -9.35
C VAL A 157 11.49 1.66 -9.08
N ALA A 158 11.77 1.04 -7.93
CA ALA A 158 13.14 0.61 -7.59
C ALA A 158 13.71 -0.37 -8.62
N THR A 159 12.86 -1.26 -9.13
CA THR A 159 13.25 -2.19 -10.20
C THR A 159 13.57 -1.47 -11.52
N ALA A 160 12.82 -0.42 -11.82
CA ALA A 160 12.89 0.24 -13.13
C ALA A 160 14.01 1.25 -13.29
N ILE A 161 14.42 1.91 -12.22
CA ILE A 161 15.46 2.95 -12.33
C ILE A 161 16.74 2.63 -11.55
N SER A 162 17.86 3.19 -12.02
CA SER A 162 19.16 2.96 -11.38
C SER A 162 19.47 4.01 -10.31
N ILE A 163 18.86 5.18 -10.42
CA ILE A 163 19.04 6.23 -9.42
C ILE A 163 18.34 5.78 -8.12
N PRO A 164 18.79 6.29 -6.96
CA PRO A 164 18.18 5.83 -5.72
C PRO A 164 16.72 6.26 -5.55
N VAL A 165 15.96 5.39 -4.90
CA VAL A 165 14.55 5.61 -4.66
C VAL A 165 14.35 5.82 -3.16
N ILE A 166 13.50 6.79 -2.82
CA ILE A 166 13.07 7.00 -1.44
C ILE A 166 11.60 6.58 -1.31
N ALA A 167 11.31 5.68 -0.38
CA ALA A 167 9.93 5.24 -0.16
C ALA A 167 9.20 6.26 0.71
N ALA A 168 7.98 6.64 0.32
CA ALA A 168 7.15 7.55 1.09
C ALA A 168 5.73 6.97 1.14
N GLY A 169 5.07 7.14 2.27
CA GLY A 169 3.65 6.77 2.39
C GLY A 169 3.46 5.53 3.25
N GLY A 170 2.91 5.74 4.44
CA GLY A 170 2.59 4.64 5.34
C GLY A 170 3.66 4.27 6.34
N ILE A 171 4.74 5.06 6.40
CA ILE A 171 5.87 4.75 7.29
C ILE A 171 5.84 5.58 8.57
N ALA A 172 5.72 4.90 9.72
CA ALA A 172 5.67 5.61 11.01
C ALA A 172 6.43 4.94 12.17
N ASP A 173 7.12 3.86 11.87
CA ASP A 173 7.99 3.21 12.84
C ASP A 173 9.11 2.43 12.16
N GLY A 174 9.95 1.82 12.96
CA GLY A 174 11.10 1.05 12.50
C GLY A 174 10.70 -0.07 11.56
N GLU A 175 9.61 -0.77 11.89
CA GLU A 175 9.10 -1.83 11.01
C GLU A 175 8.74 -1.34 9.60
N GLY A 176 8.00 -0.23 9.54
CA GLY A 176 7.59 0.37 8.30
C GLY A 176 8.82 0.83 7.55
N ALA A 177 9.76 1.45 8.26
CA ALA A 177 11.01 1.90 7.63
C ALA A 177 11.76 0.73 7.00
N ALA A 178 11.94 -0.34 7.77
CA ALA A 178 12.60 -1.55 7.30
C ALA A 178 11.94 -2.14 6.06
N ALA A 179 10.61 -2.25 6.07
CA ALA A 179 9.85 -2.69 4.90
C ALA A 179 10.19 -1.86 3.66
N GLY A 180 10.23 -0.54 3.83
CA GLY A 180 10.64 0.36 2.75
C GLY A 180 11.98 -0.05 2.13
N PHE A 181 12.96 -0.30 2.99
CA PHE A 181 14.28 -0.78 2.54
C PHE A 181 14.23 -2.13 1.83
N LEU A 183 11.87 -3.25 0.00
CA LEU A 183 11.30 -3.00 -1.31
C LEU A 183 12.32 -2.43 -2.30
N GLY A 184 13.48 -2.03 -1.79
CA GLY A 184 14.56 -1.50 -2.63
C GLY A 184 14.80 -0.01 -2.51
N ALA A 185 14.17 0.64 -1.53
CA ALA A 185 14.42 2.06 -1.28
C ALA A 185 15.75 2.22 -0.56
N GLU A 186 16.40 3.36 -0.75
CA GLU A 186 17.66 3.66 -0.06
C GLU A 186 17.53 4.79 0.98
N ALA A 187 16.28 5.22 1.19
CA ALA A 187 15.93 6.16 2.26
C ALA A 187 14.42 6.09 2.43
N VAL A 188 13.92 6.64 3.52
CA VAL A 188 12.47 6.75 3.69
C VAL A 188 12.06 8.20 3.92
N GLN A 189 10.85 8.54 3.49
CA GLN A 189 10.32 9.87 3.78
C GLN A 189 9.07 9.72 4.64
N VAL A 190 9.05 10.47 5.75
CA VAL A 190 7.99 10.38 6.75
C VAL A 190 7.30 11.73 6.86
N GLY A 191 5.97 11.72 6.77
CA GLY A 191 5.20 12.96 6.87
C GLY A 191 4.34 13.01 8.12
N THR A 192 3.29 12.16 8.14
CA THR A 192 2.27 12.19 9.18
C THR A 192 2.84 12.20 10.59
N ARG A 193 3.76 11.28 10.84
CA ARG A 193 4.36 11.17 12.16
C ARG A 193 5.10 12.45 12.60
N PHE A 194 5.77 13.09 11.65
CA PHE A 194 6.47 14.35 11.99
C PHE A 194 5.55 15.53 12.32
N VAL A 195 4.29 15.44 11.94
CA VAL A 195 3.34 16.53 12.25
C VAL A 195 3.15 16.65 13.77
N VAL A 196 3.26 15.55 14.50
CA VAL A 196 3.11 15.55 15.98
C VAL A 196 4.42 15.72 16.75
N ALA A 197 5.51 16.02 16.03
CA ALA A 197 6.80 16.31 16.70
C ALA A 197 6.63 17.53 17.59
N LYS A 198 7.37 17.55 18.69
CA LYS A 198 7.32 18.69 19.59
C LYS A 198 7.66 20.01 18.88
N GLU A 199 8.58 19.94 17.92
CA GLU A 199 9.05 21.13 17.21
C GLU A 199 8.11 21.52 16.09
N SER A 200 7.15 20.65 15.76
CA SER A 200 6.10 20.99 14.81
C SER A 200 5.22 22.09 15.38
N ASN A 201 4.89 23.06 14.54
CA ASN A 201 4.00 24.15 14.90
C ASN A 201 2.55 23.92 14.50
N ALA A 202 2.25 22.72 14.01
CA ALA A 202 0.86 22.33 13.78
C ALA A 202 0.08 22.55 15.08
N HIS A 203 -1.09 23.15 14.96
CA HIS A 203 -1.91 23.44 16.14
C HIS A 203 -2.15 22.18 16.98
N PRO A 204 -2.14 22.32 18.33
CA PRO A 204 -2.50 21.20 19.20
C PRO A 204 -3.77 20.44 18.77
N ASN A 205 -4.78 21.12 18.23
CA ASN A 205 -6.01 20.46 17.75
C ASN A 205 -5.74 19.54 16.55
N TYR A 206 -4.81 19.96 15.70
CA TYR A 206 -4.41 19.19 14.50
C TYR A 206 -3.65 17.96 14.95
N LYS A 207 -2.70 18.14 15.87
CA LYS A 207 -1.95 17.03 16.42
C LYS A 207 -2.88 16.05 17.14
N GLU A 208 -3.81 16.57 17.94
CA GLU A 208 -4.80 15.74 18.63
C GLU A 208 -5.63 14.87 17.67
N LYS A 209 -6.06 15.44 16.56
CA LYS A 209 -6.79 14.66 15.52
C LYS A 209 -5.98 13.45 15.05
N ILE A 210 -4.69 13.64 14.81
CA ILE A 210 -3.82 12.52 14.41
C ILE A 210 -3.69 11.51 15.54
N LEU A 211 -3.39 12.00 16.74
CA LEU A 211 -3.17 11.12 17.89
C LEU A 211 -4.39 10.22 18.16
N LYS A 212 -5.57 10.79 18.03
CA LYS A 212 -6.81 10.05 18.30
C LYS A 212 -7.35 9.22 17.13
N ALA A 213 -6.73 9.37 15.97
CA ALA A 213 -7.22 8.74 14.74
C ALA A 213 -7.10 7.24 14.80
N ARG A 214 -8.10 6.56 14.25
CA ARG A 214 -8.05 5.10 14.03
C ARG A 214 -7.54 4.79 12.64
N ASP A 215 -7.17 3.53 12.39
CA ASP A 215 -6.71 3.09 11.07
C ASP A 215 -7.64 3.54 9.94
N ILE A 216 -8.95 3.46 10.20
CA ILE A 216 -9.97 3.69 9.18
C ILE A 216 -10.46 5.13 9.09
N ASP A 217 -9.76 6.06 9.74
CA ASP A 217 -10.29 7.41 9.87
C ASP A 217 -9.85 8.39 8.79
N THR A 218 -9.12 7.93 7.77
CA THR A 218 -8.84 8.81 6.64
C THR A 218 -9.78 8.52 5.47
N THR A 219 -9.89 9.50 4.57
CA THR A 219 -10.72 9.37 3.40
C THR A 219 -10.08 10.13 2.24
N ILE A 220 -10.48 9.76 1.02
CA ILE A 220 -10.02 10.48 -0.17
C ILE A 220 -11.14 11.42 -0.63
N SER A 221 -10.80 12.70 -0.76
CA SER A 221 -11.72 13.69 -1.33
C SER A 221 -11.28 14.10 -2.74
N ALA A 222 -12.23 14.60 -3.54
CA ALA A 222 -11.95 15.25 -4.84
C ALA A 222 -11.32 14.33 -5.88
N GLN A 223 -11.48 13.02 -5.70
CA GLN A 223 -10.94 12.04 -6.64
C GLN A 223 -11.56 12.21 -8.03
N HIS A 224 -12.85 12.54 -8.07
CA HIS A 224 -13.58 12.67 -9.35
C HIS A 224 -13.15 13.89 -10.18
N PHE A 225 -12.50 14.85 -9.53
CA PHE A 225 -12.00 16.04 -10.22
C PHE A 225 -10.53 15.92 -10.62
N GLY A 226 -9.92 14.76 -10.33
CA GLY A 226 -8.51 14.50 -10.63
C GLY A 226 -7.55 15.16 -9.66
N HIS A 227 -8.03 15.47 -8.46
CA HIS A 227 -7.19 16.11 -7.45
C HIS A 227 -7.41 15.48 -6.07
N ALA A 228 -7.19 14.17 -6.03
CA ALA A 228 -7.44 13.34 -4.87
C ALA A 228 -6.56 13.79 -3.69
N VAL A 229 -7.20 14.02 -2.55
CA VAL A 229 -6.49 14.43 -1.33
C VAL A 229 -6.89 13.52 -0.17
N ARG A 230 -5.90 12.96 0.53
CA ARG A 230 -6.15 12.16 1.71
C ARG A 230 -6.06 12.96 3.01
N ALA A 231 -7.10 12.85 3.84
CA ALA A 231 -7.20 13.61 5.07
C ALA A 231 -8.03 12.86 6.10
N ILE A 232 -7.89 13.25 7.36
CA ILE A 232 -8.70 12.66 8.44
C ILE A 232 -10.13 13.16 8.28
N LYS A 233 -11.08 12.24 8.43
CA LYS A 233 -12.50 12.54 8.31
C LYS A 233 -12.93 13.61 9.29
N ASN A 234 -13.66 14.59 8.80
CA ASN A 234 -14.19 15.68 9.62
C ASN A 234 -15.37 16.35 8.93
N GLN A 235 -15.89 17.43 9.49
CA GLN A 235 -17.01 18.11 8.83
C GLN A 235 -16.70 18.51 7.39
N LEU A 236 -15.48 18.97 7.13
CA LEU A 236 -15.10 19.36 5.76
C LEU A 236 -15.20 18.21 4.74
N THR A 237 -14.64 17.05 5.08
CA THR A 237 -14.65 15.92 4.16
C THR A 237 -16.09 15.42 3.93
N ARG A 238 -16.87 15.35 5.00
CA ARG A 238 -18.31 15.02 4.92
C ARG A 238 -19.06 15.98 4.00
N ASP A 239 -18.93 17.28 4.26
CA ASP A 239 -19.60 18.27 3.43
C ASP A 239 -19.08 18.20 1.98
N PHE A 240 -17.79 17.90 1.82
CA PHE A 240 -17.19 17.77 0.50
C PHE A 240 -17.72 16.54 -0.26
N GLU A 241 -17.80 15.40 0.43
CA GLU A 241 -18.29 14.14 -0.15
C GLU A 241 -19.78 14.22 -0.46
N LEU A 242 -20.52 14.88 0.43
CA LEU A 242 -21.96 15.08 0.25
C LEU A 242 -22.18 15.86 -1.04
N ALA A 243 -21.39 16.92 -1.22
CA ALA A 243 -21.46 17.76 -2.42
C ALA A 243 -20.94 17.06 -3.69
N GLU A 244 -20.03 16.08 -3.51
CA GLU A 244 -19.53 15.29 -4.63
C GLU A 244 -20.58 14.28 -5.12
N LYS A 245 -21.22 13.59 -4.17
CA LYS A 245 -22.36 12.71 -4.47
C LYS A 245 -23.46 13.46 -5.23
N ASP A 246 -23.74 14.68 -4.79
CA ASP A 246 -24.65 15.59 -5.47
C ASP A 246 -24.22 15.86 -6.91
N ALA A 247 -22.93 16.22 -7.07
CA ALA A 247 -22.37 16.63 -8.37
C ALA A 247 -22.35 15.51 -9.41
N PHE A 248 -22.18 14.27 -8.95
CA PHE A 248 -22.15 13.10 -9.82
C PHE A 248 -23.55 12.78 -10.38
N LYS A 249 -24.57 13.33 -9.74
CA LYS A 249 -25.97 13.21 -10.19
C LYS A 249 -26.29 14.14 -11.37
N GLN A 250 -25.45 15.15 -11.60
CA GLN A 250 -25.67 16.13 -12.67
C GLN A 250 -24.74 15.90 -13.86
N ASP A 254 -21.42 22.45 -11.46
CA ASP A 254 -21.01 23.68 -10.80
C ASP A 254 -19.91 23.41 -9.77
N LEU A 255 -18.72 23.98 -10.02
CA LEU A 255 -17.53 23.64 -9.23
C LEU A 255 -17.06 24.71 -8.23
N GLU A 256 -17.79 25.83 -8.15
CA GLU A 256 -17.45 26.91 -7.23
C GLU A 256 -17.66 26.51 -5.76
N ILE A 257 -18.68 25.69 -5.51
CA ILE A 257 -18.96 25.20 -4.17
C ILE A 257 -17.76 24.46 -3.55
N PHE A 258 -16.98 23.79 -4.39
CA PHE A 258 -15.83 23.00 -3.95
C PHE A 258 -14.62 23.86 -3.61
N GLU A 259 -14.30 24.82 -4.48
CA GLU A 259 -13.14 25.69 -4.26
C GLU A 259 -13.36 26.73 -3.17
N GLN A 260 -14.62 27.06 -2.88
CA GLN A 260 -14.94 27.88 -1.71
C GLN A 260 -14.90 27.05 -0.42
N GLY A 262 -12.82 24.46 -0.14
CA GLY A 262 -11.41 24.15 0.00
C GLY A 262 -10.46 25.33 0.19
N ALA A 263 -10.95 26.54 -0.03
CA ALA A 263 -10.10 27.75 0.00
C ALA A 263 -9.44 27.95 1.37
N GLY A 264 -8.10 27.87 1.39
CA GLY A 264 -7.31 27.99 2.63
C GLY A 264 -7.66 26.97 3.70
N ALA A 265 -8.17 25.81 3.28
CA ALA A 265 -8.61 24.77 4.22
C ALA A 265 -7.46 24.22 5.08
N LEU A 266 -6.31 23.98 4.44
CA LEU A 266 -5.16 23.43 5.17
C LEU A 266 -4.65 24.42 6.22
N ALA A 267 -4.49 25.68 5.82
CA ALA A 267 -4.08 26.75 6.74
C ALA A 267 -4.97 26.86 7.98
N LYS A 268 -6.30 26.82 7.77
CA LYS A 268 -7.27 26.88 8.87
C LYS A 268 -6.96 25.84 9.95
N ALA A 269 -6.66 24.62 9.50
CA ALA A 269 -6.43 23.50 10.38
C ALA A 269 -5.06 23.59 11.08
N VAL A 270 -4.00 23.76 10.29
CA VAL A 270 -2.62 23.70 10.77
C VAL A 270 -2.30 24.87 11.68
N VAL A 271 -2.64 26.08 11.23
CA VAL A 271 -2.31 27.33 11.95
C VAL A 271 -3.29 27.61 13.08
N HIS A 272 -4.59 27.61 12.74
CA HIS A 272 -5.61 28.04 13.70
C HIS A 272 -6.34 26.92 14.42
N GLY A 273 -6.02 25.68 14.07
CA GLY A 273 -6.62 24.51 14.73
C GLY A 273 -8.11 24.32 14.46
N ASP A 274 -8.58 24.82 13.33
CA ASP A 274 -9.95 24.54 12.91
C ASP A 274 -9.95 23.17 12.22
N VAL A 275 -10.18 22.14 13.01
CA VAL A 275 -10.12 20.76 12.54
C VAL A 275 -11.52 20.23 12.19
N ASP A 276 -12.52 21.11 12.31
CA ASP A 276 -13.88 20.82 11.83
C ASP A 276 -14.03 21.28 10.38
N GLY A 277 -13.72 22.55 10.12
CA GLY A 277 -13.90 23.15 8.80
C GLY A 277 -12.65 23.20 7.93
N GLY A 278 -11.50 22.94 8.52
CA GLY A 278 -10.23 22.89 7.79
C GLY A 278 -9.92 21.48 7.31
N SER A 279 -8.81 21.36 6.58
CA SER A 279 -8.39 20.09 6.02
C SER A 279 -7.26 19.49 6.87
N VAL A 280 -7.55 18.37 7.50
CA VAL A 280 -6.58 17.68 8.35
C VAL A 280 -5.89 16.58 7.54
N ALA A 282 -3.48 13.89 6.39
CA ALA A 282 -2.71 12.91 7.15
C ALA A 282 -2.87 11.60 6.41
N GLY A 283 -1.91 10.70 6.62
CA GLY A 283 -1.94 9.39 5.99
C GLY A 283 -2.71 8.33 6.75
N GLN A 284 -2.94 7.20 6.08
CA GLN A 284 -3.53 6.04 6.72
C GLN A 284 -2.80 5.56 7.96
N ILE A 285 -1.48 5.79 8.02
CA ILE A 285 -0.68 5.39 9.17
C ILE A 285 -0.94 6.28 10.42
N ALA A 286 -1.78 7.31 10.27
CA ALA A 286 -2.18 8.15 11.40
C ALA A 286 -2.66 7.31 12.59
N GLY A 287 -3.37 6.22 12.30
CA GLY A 287 -3.77 5.25 13.33
C GLY A 287 -2.68 4.71 14.25
N LEU A 288 -1.46 4.58 13.74
CA LEU A 288 -0.32 4.07 14.51
C LEU A 288 0.35 5.16 15.35
N VAL A 289 0.14 6.41 14.97
CA VAL A 289 0.81 7.56 15.60
C VAL A 289 0.06 7.94 16.89
N SER A 290 0.69 7.72 18.03
CA SER A 290 -0.04 7.84 19.30
C SER A 290 0.64 8.68 20.38
N LYS A 291 1.82 9.20 20.07
CA LYS A 291 2.60 10.00 21.03
C LYS A 291 3.19 11.24 20.37
N GLU A 292 3.21 12.34 21.12
CA GLU A 292 3.99 13.51 20.77
C GLU A 292 5.41 13.28 21.29
N GLU A 293 6.38 13.46 20.40
CA GLU A 293 7.79 13.20 20.72
C GLU A 293 8.66 14.25 20.05
N THR A 294 9.92 14.38 20.44
CA THR A 294 10.81 15.33 19.75
C THR A 294 11.14 14.78 18.35
N ALA A 295 11.52 15.65 17.41
CA ALA A 295 11.95 15.20 16.08
C ALA A 295 13.08 14.18 16.19
N GLU A 296 14.00 14.42 17.13
CA GLU A 296 15.13 13.52 17.33
C GLU A 296 14.68 12.13 17.79
N GLU A 297 13.74 12.09 18.74
CA GLU A 297 13.14 10.85 19.23
C GLU A 297 12.46 10.05 18.12
N ILE A 298 11.75 10.76 17.24
CA ILE A 298 11.09 10.14 16.09
C ILE A 298 12.15 9.57 15.13
N LEU A 299 13.18 10.36 14.83
CA LEU A 299 14.26 9.91 13.94
C LEU A 299 14.92 8.65 14.48
N LYS A 300 15.26 8.65 15.76
CA LYS A 300 15.94 7.51 16.36
C LYS A 300 15.06 6.27 16.42
N ASP A 301 13.78 6.46 16.69
CA ASP A 301 12.83 5.34 16.71
C ASP A 301 12.74 4.72 15.32
N LEU A 302 12.60 5.56 14.30
CA LEU A 302 12.58 5.09 12.92
C LEU A 302 13.87 4.34 12.54
N TYR A 303 15.01 4.95 12.82
CA TYR A 303 16.31 4.41 12.41
C TYR A 303 16.73 3.18 13.23
N TYR A 304 16.84 3.33 14.54
CA TYR A 304 17.20 2.20 15.40
C TYR A 304 16.11 1.13 15.48
N GLY A 305 14.86 1.52 15.27
CA GLY A 305 13.76 0.55 15.19
C GLY A 305 13.91 -0.33 13.96
N ALA A 306 14.23 0.29 12.83
CA ALA A 306 14.52 -0.42 11.58
C ALA A 306 15.68 -1.38 11.79
N ALA A 307 16.79 -0.88 12.35
CA ALA A 307 17.98 -1.68 12.60
C ALA A 307 17.66 -2.92 13.45
N LYS A 308 16.94 -2.71 14.55
CA LYS A 308 16.61 -3.81 15.46
C LYS A 308 15.77 -4.84 14.76
N LYS A 309 14.74 -4.40 14.04
CA LYS A 309 13.86 -5.32 13.32
C LYS A 309 14.61 -6.14 12.27
N ILE A 310 15.48 -5.46 11.52
CA ILE A 310 16.25 -6.12 10.45
C ILE A 310 17.19 -7.16 11.07
N GLN A 311 17.90 -6.78 12.12
CA GLN A 311 18.79 -7.70 12.82
C GLN A 311 18.05 -8.91 13.41
N GLU A 312 16.91 -8.65 14.05
CA GLU A 312 16.06 -9.72 14.63
C GLU A 312 15.61 -10.68 13.55
N GLU A 313 15.08 -10.14 12.45
CA GLU A 313 14.62 -10.98 11.34
C GLU A 313 15.75 -11.74 10.65
N ALA A 314 16.90 -11.07 10.47
CA ALA A 314 18.08 -11.75 9.92
C ALA A 314 18.43 -13.00 10.75
N SER A 315 18.36 -12.88 12.08
CA SER A 315 18.59 -13.99 13.01
C SER A 315 17.64 -15.17 12.77
N ARG A 316 16.37 -14.85 12.55
CA ARG A 316 15.33 -15.85 12.28
C ARG A 316 15.57 -16.54 10.94
N TRP A 317 16.10 -15.80 9.97
CA TRP A 317 16.32 -16.31 8.62
C TRP A 317 17.73 -16.85 8.34
N THR A 318 18.63 -16.84 9.32
CA THR A 318 20.01 -17.30 9.08
C THR A 318 20.04 -18.76 8.67
N GLY A 319 20.79 -19.06 7.62
CA GLY A 319 20.93 -20.44 7.13
C GLY A 319 19.95 -20.84 6.05
N VAL A 320 18.93 -20.02 5.82
CA VAL A 320 18.00 -20.26 4.73
C VAL A 320 18.70 -20.01 3.39
N LYS B 2 11.38 -21.47 10.72
CA LYS B 2 9.96 -21.64 11.02
C LYS B 2 9.30 -20.39 11.60
N THR B 3 8.01 -20.25 11.31
CA THR B 3 7.18 -19.20 11.87
C THR B 3 6.00 -19.87 12.57
N ARG B 4 5.27 -19.10 13.38
CA ARG B 4 4.05 -19.60 14.00
C ARG B 4 3.08 -20.17 12.96
N ILE B 5 3.15 -19.65 11.72
CA ILE B 5 2.26 -20.12 10.65
C ILE B 5 2.69 -21.49 10.10
N THR B 6 3.97 -21.66 9.80
CA THR B 6 4.47 -22.97 9.36
C THR B 6 4.24 -24.03 10.44
N GLU B 7 4.34 -23.64 11.70
CA GLU B 7 4.13 -24.54 12.83
C GLU B 7 2.66 -24.93 12.96
N LEU B 8 1.78 -23.93 12.89
CA LEU B 8 0.34 -24.16 12.99
C LEU B 8 -0.18 -25.06 11.86
N LEU B 9 0.26 -24.79 10.64
CA LEU B 9 -0.27 -25.46 9.46
C LEU B 9 0.54 -26.68 9.02
N LYS B 10 1.70 -26.89 9.65
CA LYS B 10 2.62 -27.97 9.30
C LYS B 10 3.01 -27.94 7.83
N ILE B 11 3.45 -26.77 7.38
CA ILE B 11 3.94 -26.59 6.00
C ILE B 11 5.39 -26.08 6.03
N ASP B 12 6.09 -26.20 4.92
CA ASP B 12 7.52 -25.86 4.86
C ASP B 12 7.78 -24.37 4.62
N TYR B 13 6.96 -23.74 3.79
CA TYR B 13 7.14 -22.33 3.44
C TYR B 13 6.02 -21.50 4.05
N PRO B 14 6.36 -20.34 4.65
CA PRO B 14 5.33 -19.44 5.15
C PRO B 14 4.68 -18.63 4.01
N ILE B 15 4.17 -19.35 3.02
CA ILE B 15 3.60 -18.76 1.81
C ILE B 15 2.26 -19.44 1.49
N PHE B 16 1.22 -18.62 1.34
CA PHE B 16 -0.08 -19.09 0.84
C PHE B 16 -0.21 -18.66 -0.60
N GLN B 17 -0.73 -19.56 -1.43
CA GLN B 17 -1.35 -19.16 -2.69
C GLN B 17 -2.80 -18.85 -2.35
N GLY B 18 -3.17 -17.58 -2.46
CA GLY B 18 -4.48 -17.11 -2.02
C GLY B 18 -5.63 -17.76 -2.77
N GLY B 19 -6.73 -18.01 -2.06
CA GLY B 19 -7.92 -18.52 -2.69
C GLY B 19 -8.34 -17.53 -3.74
N ALA B 21 -11.35 -17.23 -6.87
CA ALA B 21 -12.46 -17.82 -7.64
C ALA B 21 -12.01 -18.14 -9.06
N TRP B 22 -12.36 -19.35 -9.54
CA TRP B 22 -12.05 -19.82 -10.90
C TRP B 22 -10.58 -20.21 -11.14
N VAL B 23 -9.66 -19.35 -10.71
CA VAL B 23 -8.25 -19.60 -10.92
C VAL B 23 -7.68 -20.66 -9.98
N ALA B 24 -8.11 -20.63 -8.71
CA ALA B 24 -7.53 -21.50 -7.70
C ALA B 24 -8.31 -22.80 -7.66
N ASP B 25 -8.06 -23.66 -8.65
CA ASP B 25 -8.63 -25.00 -8.66
C ASP B 25 -7.68 -26.01 -8.04
N GLY B 26 -8.07 -27.28 -8.07
CA GLY B 26 -7.25 -28.34 -7.47
C GLY B 26 -5.86 -28.44 -8.06
N ASP B 27 -5.74 -28.17 -9.36
CA ASP B 27 -4.43 -28.28 -10.02
C ASP B 27 -3.42 -27.28 -9.48
N LEU B 28 -3.81 -26.02 -9.40
CA LEU B 28 -2.92 -24.98 -8.86
C LEU B 28 -2.68 -25.17 -7.36
N ALA B 29 -3.77 -25.30 -6.59
CA ALA B 29 -3.66 -25.48 -5.14
C ALA B 29 -2.82 -26.71 -4.82
N GLY B 30 -3.09 -27.80 -5.53
CA GLY B 30 -2.33 -29.04 -5.37
C GLY B 30 -0.86 -28.84 -5.61
N ALA B 31 -0.50 -28.13 -6.68
CA ALA B 31 0.89 -27.86 -7.03
C ALA B 31 1.62 -27.05 -5.96
N VAL B 32 0.94 -26.06 -5.37
CA VAL B 32 1.52 -25.22 -4.33
C VAL B 32 1.73 -26.02 -3.03
N SER B 33 0.69 -26.75 -2.61
CA SER B 33 0.76 -27.59 -1.42
C SER B 33 1.83 -28.68 -1.57
N LYS B 34 1.88 -29.31 -2.74
CA LYS B 34 2.91 -30.33 -3.05
C LYS B 34 4.32 -29.79 -2.90
N ALA B 35 4.53 -28.54 -3.31
CA ALA B 35 5.86 -27.93 -3.28
C ALA B 35 6.26 -27.40 -1.89
N GLY B 36 5.32 -27.35 -0.94
CA GLY B 36 5.64 -26.98 0.44
C GLY B 36 4.95 -25.73 0.97
N GLY B 37 4.20 -25.04 0.12
CA GLY B 37 3.42 -23.89 0.58
C GLY B 37 2.02 -24.32 0.96
N LEU B 38 1.12 -23.35 1.17
CA LEU B 38 -0.29 -23.68 1.33
C LEU B 38 -1.08 -23.33 0.07
N GLY B 39 -1.47 -24.36 -0.67
CA GLY B 39 -2.46 -24.22 -1.73
C GLY B 39 -3.84 -23.99 -1.12
N ILE B 40 -4.63 -23.12 -1.76
CA ILE B 40 -5.97 -22.80 -1.29
C ILE B 40 -6.90 -22.82 -2.47
N ILE B 41 -7.92 -23.68 -2.43
CA ILE B 41 -8.96 -23.72 -3.44
C ILE B 41 -9.89 -22.54 -3.26
N GLY B 42 -10.19 -21.87 -4.36
CA GLY B 42 -11.19 -20.79 -4.39
C GLY B 42 -12.59 -21.36 -4.49
N GLY B 43 -13.32 -21.38 -3.38
CA GLY B 43 -14.73 -21.82 -3.39
C GLY B 43 -15.64 -20.95 -4.26
N GLY B 44 -15.36 -19.64 -4.24
CA GLY B 44 -16.18 -18.67 -4.98
C GLY B 44 -17.67 -18.83 -4.72
N ASN B 45 -18.47 -18.74 -5.77
CA ASN B 45 -19.90 -18.98 -5.65
C ASN B 45 -20.32 -20.37 -6.18
N ALA B 46 -19.35 -21.27 -6.31
CA ALA B 46 -19.59 -22.62 -6.83
C ALA B 46 -20.46 -23.50 -5.92
N PRO B 47 -21.24 -24.42 -6.52
CA PRO B 47 -21.98 -25.39 -5.70
C PRO B 47 -21.06 -26.47 -5.12
N LYS B 48 -21.59 -27.26 -4.18
CA LYS B 48 -20.85 -28.31 -3.49
C LYS B 48 -20.08 -29.27 -4.40
N GLU B 49 -20.74 -29.77 -5.44
CA GLU B 49 -20.14 -30.76 -6.34
C GLU B 49 -18.90 -30.25 -7.09
N VAL B 50 -18.89 -28.96 -7.42
CA VAL B 50 -17.78 -28.33 -8.12
C VAL B 50 -16.58 -28.18 -7.19
N VAL B 51 -16.82 -27.66 -5.99
CA VAL B 51 -15.74 -27.51 -5.02
C VAL B 51 -15.19 -28.90 -4.62
N LYS B 52 -16.08 -29.89 -4.52
CA LYS B 52 -15.65 -31.24 -4.14
C LYS B 52 -14.71 -31.84 -5.19
N ALA B 53 -14.98 -31.61 -6.48
CA ALA B 53 -14.10 -32.05 -7.55
C ALA B 53 -12.68 -31.51 -7.40
N ASN B 54 -12.56 -30.24 -7.00
CA ASN B 54 -11.27 -29.62 -6.74
C ASN B 54 -10.55 -30.23 -5.54
N ILE B 55 -11.30 -30.52 -4.47
CA ILE B 55 -10.74 -31.17 -3.29
C ILE B 55 -10.23 -32.57 -3.65
N ASP B 56 -11.05 -33.32 -4.39
CA ASP B 56 -10.67 -34.65 -4.87
C ASP B 56 -9.38 -34.60 -5.70
N LYS B 57 -9.24 -33.55 -6.53
CA LYS B 57 -8.03 -33.38 -7.34
C LYS B 57 -6.79 -33.16 -6.49
N ILE B 58 -6.85 -32.23 -5.53
CA ILE B 58 -5.68 -31.99 -4.67
C ILE B 58 -5.29 -33.26 -3.93
N LYS B 59 -6.28 -33.97 -3.41
CA LYS B 59 -6.03 -35.18 -2.63
C LYS B 59 -5.35 -36.26 -3.47
N SER B 60 -5.65 -36.28 -4.77
CA SER B 60 -4.99 -37.18 -5.70
C SER B 60 -3.56 -36.75 -6.04
N LEU B 61 -3.26 -35.46 -5.84
CA LEU B 61 -1.96 -34.89 -6.19
C LEU B 61 -0.97 -34.88 -5.02
N THR B 62 -1.48 -34.71 -3.80
CA THR B 62 -0.62 -34.57 -2.62
C THR B 62 -1.36 -34.90 -1.31
N ASP B 63 -0.60 -35.35 -0.30
CA ASP B 63 -1.13 -35.59 1.04
C ASP B 63 -1.00 -34.33 1.92
N LYS B 64 -0.29 -33.34 1.40
CA LYS B 64 0.09 -32.14 2.16
C LYS B 64 -1.10 -31.23 2.47
N PRO B 65 -0.98 -30.38 3.50
CA PRO B 65 -2.12 -29.51 3.87
C PRO B 65 -2.48 -28.55 2.74
N PHE B 66 -3.77 -28.26 2.64
CA PHE B 66 -4.29 -27.25 1.72
C PHE B 66 -5.44 -26.56 2.43
N GLY B 67 -5.84 -25.40 1.90
CA GLY B 67 -7.01 -24.70 2.42
C GLY B 67 -8.12 -24.61 1.41
N VAL B 68 -9.28 -24.17 1.89
CA VAL B 68 -10.41 -23.79 1.04
C VAL B 68 -10.83 -22.39 1.46
N ASN B 69 -10.93 -21.51 0.48
CA ASN B 69 -11.45 -20.17 0.70
C ASN B 69 -12.96 -20.14 0.46
N ILE B 70 -13.70 -19.74 1.50
CA ILE B 70 -15.16 -19.78 1.45
C ILE B 70 -15.70 -18.36 1.38
N LEU B 72 -18.64 -16.29 2.11
CA LEU B 72 -19.73 -16.51 3.05
C LEU B 72 -21.09 -16.00 2.56
N LEU B 73 -21.08 -15.13 1.55
CA LEU B 73 -22.30 -14.63 0.95
C LEU B 73 -22.75 -15.45 -0.27
N SER B 74 -22.05 -16.53 -0.59
CA SER B 74 -22.47 -17.45 -1.66
C SER B 74 -23.83 -18.07 -1.35
N PRO B 75 -24.68 -18.27 -2.39
CA PRO B 75 -25.94 -18.97 -2.10
C PRO B 75 -25.73 -20.40 -1.59
N PHE B 76 -24.52 -20.95 -1.80
CA PHE B 76 -24.22 -22.33 -1.38
C PHE B 76 -23.29 -22.39 -0.17
N VAL B 77 -23.15 -21.28 0.54
CA VAL B 77 -22.24 -21.22 1.71
C VAL B 77 -22.44 -22.37 2.69
N GLU B 78 -23.68 -22.71 3.02
CA GLU B 78 -23.95 -23.78 3.97
C GLU B 78 -23.43 -25.14 3.49
N ASP B 79 -23.53 -25.39 2.19
CA ASP B 79 -23.04 -26.63 1.57
C ASP B 79 -21.51 -26.70 1.54
N ILE B 80 -20.87 -25.55 1.32
CA ILE B 80 -19.40 -25.50 1.26
C ILE B 80 -18.80 -25.68 2.64
N VAL B 81 -19.45 -25.10 3.64
CA VAL B 81 -19.14 -25.33 5.04
C VAL B 81 -19.26 -26.83 5.37
N ASP B 82 -20.35 -27.46 4.92
CA ASP B 82 -20.51 -28.92 5.11
C ASP B 82 -19.34 -29.64 4.48
N LEU B 83 -19.06 -29.29 3.23
CA LEU B 83 -18.07 -29.96 2.40
C LEU B 83 -16.68 -29.97 3.04
N VAL B 84 -16.22 -28.82 3.53
CA VAL B 84 -14.87 -28.75 4.07
C VAL B 84 -14.71 -29.58 5.35
N ILE B 85 -15.77 -29.66 6.14
CA ILE B 85 -15.77 -30.51 7.33
C ILE B 85 -15.78 -31.97 6.90
N GLU B 86 -16.67 -32.32 5.95
CA GLU B 86 -16.83 -33.69 5.48
C GLU B 86 -15.55 -34.25 4.89
N GLU B 87 -14.79 -33.39 4.20
CA GLU B 87 -13.55 -33.78 3.50
C GLU B 87 -12.29 -33.65 4.36
N GLY B 88 -12.45 -33.15 5.59
CA GLY B 88 -11.33 -33.03 6.51
C GLY B 88 -10.27 -32.04 6.05
N VAL B 89 -10.72 -30.91 5.51
CA VAL B 89 -9.82 -29.84 5.11
C VAL B 89 -9.16 -29.22 6.35
N LYS B 90 -7.86 -28.93 6.26
CA LYS B 90 -7.09 -28.49 7.44
C LYS B 90 -7.27 -27.00 7.76
N VAL B 91 -7.48 -26.21 6.71
CA VAL B 91 -7.55 -24.74 6.82
C VAL B 91 -8.70 -24.18 5.99
N VAL B 92 -9.41 -23.22 6.56
CA VAL B 92 -10.39 -22.46 5.83
C VAL B 92 -9.99 -20.98 5.91
N THR B 93 -9.92 -20.32 4.76
CA THR B 93 -9.86 -18.86 4.75
C THR B 93 -11.25 -18.35 4.36
N THR B 94 -11.57 -17.13 4.76
CA THR B 94 -12.89 -16.59 4.48
C THR B 94 -12.71 -15.18 3.96
N GLY B 95 -13.34 -14.90 2.82
CA GLY B 95 -13.31 -13.57 2.26
C GLY B 95 -14.52 -12.85 2.79
N ALA B 96 -15.43 -12.55 1.86
CA ALA B 96 -16.66 -11.81 2.13
C ALA B 96 -17.41 -12.41 3.31
N GLY B 97 -18.00 -11.54 4.12
CA GLY B 97 -18.89 -11.95 5.22
C GLY B 97 -18.23 -12.14 6.57
N ASN B 98 -19.06 -12.25 7.60
CA ASN B 98 -18.62 -12.51 8.98
C ASN B 98 -18.72 -14.02 9.28
N PRO B 99 -17.57 -14.68 9.54
CA PRO B 99 -17.55 -16.12 9.79
C PRO B 99 -17.96 -16.54 11.22
N SER B 100 -18.39 -15.59 12.05
CA SER B 100 -18.79 -15.86 13.43
C SER B 100 -19.81 -16.98 13.50
N LYS B 101 -20.78 -16.99 12.57
CA LYS B 101 -21.82 -18.02 12.43
C LYS B 101 -21.28 -19.44 12.49
N TYR B 102 -20.07 -19.62 11.95
CA TYR B 102 -19.52 -20.96 11.70
C TYR B 102 -18.30 -21.30 12.54
N GLU B 104 -17.58 -21.83 15.79
CA GLU B 104 -17.60 -22.97 16.72
C GLU B 104 -17.73 -24.28 15.95
N ARG B 105 -18.50 -24.26 14.87
CA ARG B 105 -18.65 -25.47 14.06
C ARG B 105 -17.31 -25.92 13.46
N PHE B 106 -16.53 -24.97 12.93
CA PHE B 106 -15.22 -25.28 12.35
C PHE B 106 -14.27 -25.82 13.42
N HIS B 107 -14.26 -25.18 14.59
CA HIS B 107 -13.36 -25.59 15.66
C HIS B 107 -13.73 -26.93 16.27
N GLU B 108 -15.02 -27.24 16.36
CA GLU B 108 -15.47 -28.58 16.79
C GLU B 108 -14.98 -29.65 15.81
N ALA B 109 -14.89 -29.29 14.52
CA ALA B 109 -14.35 -30.19 13.49
C ALA B 109 -12.82 -30.26 13.48
N GLY B 110 -12.17 -29.31 14.12
CA GLY B 110 -10.69 -29.26 14.16
C GLY B 110 -10.04 -28.46 13.04
N ILE B 111 -10.83 -27.65 12.35
CA ILE B 111 -10.35 -26.82 11.24
C ILE B 111 -9.69 -25.54 11.76
N ILE B 112 -8.57 -25.16 11.14
CA ILE B 112 -7.89 -23.89 11.42
C ILE B 112 -8.57 -22.80 10.60
N VAL B 113 -8.97 -21.72 11.26
CA VAL B 113 -9.78 -20.70 10.59
C VAL B 113 -9.06 -19.37 10.51
N ILE B 114 -8.96 -18.86 9.28
CA ILE B 114 -8.17 -17.66 8.98
C ILE B 114 -8.98 -16.69 8.10
N PRO B 115 -9.75 -15.78 8.73
CA PRO B 115 -10.51 -14.75 8.04
C PRO B 115 -9.63 -13.67 7.41
N VAL B 116 -10.02 -13.20 6.23
CA VAL B 116 -9.43 -12.00 5.60
C VAL B 116 -10.08 -10.78 6.24
N VAL B 117 -9.25 -9.84 6.71
CA VAL B 117 -9.77 -8.67 7.43
C VAL B 117 -9.34 -7.37 6.76
N PRO B 118 -10.24 -6.36 6.73
CA PRO B 118 -9.85 -5.06 6.19
C PRO B 118 -9.54 -3.95 7.22
N SER B 119 -9.51 -4.29 8.50
CA SER B 119 -9.33 -3.25 9.52
C SER B 119 -8.86 -3.82 10.84
N VAL B 120 -8.32 -2.94 11.69
CA VAL B 120 -7.93 -3.29 13.04
C VAL B 120 -9.14 -3.78 13.84
N ALA B 121 -10.26 -3.06 13.77
CA ALA B 121 -11.43 -3.44 14.57
C ALA B 121 -11.93 -4.86 14.21
N LEU B 122 -11.96 -5.16 12.93
CA LEU B 122 -12.37 -6.49 12.49
C LEU B 122 -11.37 -7.58 12.86
N ALA B 123 -10.07 -7.27 12.76
CA ALA B 123 -9.02 -8.21 13.20
C ALA B 123 -9.13 -8.54 14.69
N LYS B 124 -9.40 -7.52 15.51
CA LYS B 124 -9.53 -7.71 16.94
C LYS B 124 -10.75 -8.58 17.26
N ARG B 125 -11.83 -8.37 16.52
CA ARG B 125 -13.04 -9.16 16.74
C ARG B 125 -12.90 -10.60 16.28
N GLU B 127 -10.08 -12.15 16.34
CA GLU B 127 -9.26 -12.70 17.40
C GLU B 127 -10.10 -13.15 18.60
N LYS B 128 -11.01 -12.28 19.05
CA LYS B 128 -11.76 -12.55 20.28
C LYS B 128 -12.82 -13.64 20.10
N ILE B 129 -13.29 -13.83 18.88
CA ILE B 129 -14.21 -14.96 18.60
C ILE B 129 -13.47 -16.26 18.27
N GLY B 130 -12.13 -16.22 18.33
CA GLY B 130 -11.32 -17.43 18.20
C GLY B 130 -10.60 -17.72 16.89
N ALA B 131 -10.57 -16.79 15.93
CA ALA B 131 -9.78 -16.97 14.72
C ALA B 131 -8.34 -17.38 15.05
N ASP B 132 -7.80 -18.33 14.28
CA ASP B 132 -6.46 -18.87 14.55
C ASP B 132 -5.36 -17.95 14.03
N ALA B 133 -5.72 -17.13 13.04
CA ALA B 133 -4.82 -16.22 12.35
C ALA B 133 -5.72 -15.30 11.54
N VAL B 134 -5.17 -14.20 11.01
CA VAL B 134 -5.95 -13.38 10.07
C VAL B 134 -5.08 -13.03 8.87
N ILE B 135 -5.72 -12.85 7.72
CA ILE B 135 -5.04 -12.33 6.55
C ILE B 135 -5.38 -10.84 6.40
N ALA B 136 -4.35 -9.99 6.45
CA ALA B 136 -4.55 -8.56 6.25
C ALA B 136 -4.26 -8.27 4.78
N GLU B 137 -5.32 -8.07 4.01
CA GLU B 137 -5.21 -7.86 2.56
C GLU B 137 -5.30 -6.38 2.17
N GLY B 138 -4.24 -5.88 1.55
CA GLY B 138 -4.18 -4.50 1.11
C GLY B 138 -5.04 -4.22 -0.11
N GLU B 140 -4.22 -2.87 -2.80
CA GLU B 140 -3.49 -3.19 -4.02
C GLU B 140 -3.79 -4.62 -4.55
N ALA B 141 -4.36 -5.48 -3.70
CA ALA B 141 -4.71 -6.86 -4.09
C ALA B 141 -5.67 -6.92 -5.29
N GLY B 142 -5.63 -8.01 -6.04
CA GLY B 142 -6.65 -8.24 -7.05
C GLY B 142 -7.99 -8.58 -6.40
N GLY B 143 -9.08 -8.35 -7.15
CA GLY B 143 -10.40 -8.74 -6.70
C GLY B 143 -11.13 -7.72 -5.84
N HIS B 144 -12.05 -8.21 -5.01
CA HIS B 144 -12.79 -7.33 -4.11
C HIS B 144 -11.85 -6.77 -3.04
N ILE B 145 -11.76 -5.44 -2.96
CA ILE B 145 -10.78 -4.78 -2.10
C ILE B 145 -11.40 -3.89 -1.02
N GLY B 146 -10.66 -3.71 0.07
CA GLY B 146 -10.99 -2.69 1.06
C GLY B 146 -10.30 -1.38 0.68
N LYS B 147 -10.16 -0.49 1.67
CA LYS B 147 -9.55 0.81 1.47
C LYS B 147 -8.10 0.93 2.00
N LEU B 148 -7.74 0.16 3.03
CA LEU B 148 -6.38 0.31 3.56
C LEU B 148 -5.35 -0.43 2.68
N THR B 149 -4.15 0.12 2.62
CA THR B 149 -3.07 -0.51 1.84
C THR B 149 -2.32 -1.54 2.69
N THR B 150 -1.53 -2.39 2.00
CA THR B 150 -0.73 -3.40 2.69
C THR B 150 0.22 -2.81 3.74
N THR B 152 -0.01 -0.11 5.50
CA THR B 152 -0.64 0.44 6.68
C THR B 152 -1.49 -0.60 7.42
N LEU B 153 -2.23 -1.41 6.67
CA LEU B 153 -3.09 -2.44 7.25
C LEU B 153 -2.27 -3.53 7.96
N VAL B 154 -1.27 -4.10 7.29
CA VAL B 154 -0.50 -5.16 7.92
C VAL B 154 0.16 -4.66 9.23
N ARG B 155 0.78 -3.50 9.16
CA ARG B 155 1.43 -2.93 10.32
C ARG B 155 0.48 -2.74 11.50
N GLN B 156 -0.69 -2.15 11.25
CA GLN B 156 -1.58 -1.81 12.34
C GLN B 156 -2.28 -3.05 12.88
N VAL B 157 -2.61 -3.98 11.99
CA VAL B 157 -3.22 -5.24 12.39
C VAL B 157 -2.21 -6.04 13.22
N ALA B 158 -0.98 -6.18 12.75
CA ALA B 158 0.05 -6.91 13.52
C ALA B 158 0.28 -6.31 14.92
N THR B 159 0.28 -4.99 15.03
CA THR B 159 0.45 -4.36 16.35
C THR B 159 -0.75 -4.60 17.27
N ALA B 160 -1.94 -4.75 16.68
CA ALA B 160 -3.20 -4.84 17.44
C ALA B 160 -3.60 -6.22 17.95
N ILE B 161 -3.21 -7.28 17.24
CA ILE B 161 -3.59 -8.65 17.67
C ILE B 161 -2.40 -9.56 18.02
N SER B 162 -2.65 -10.54 18.89
CA SER B 162 -1.61 -11.49 19.31
C SER B 162 -1.49 -12.67 18.37
N ILE B 163 -2.59 -13.03 17.70
CA ILE B 163 -2.58 -14.12 16.72
C ILE B 163 -1.71 -13.75 15.49
N PRO B 164 -1.20 -14.76 14.77
CA PRO B 164 -0.37 -14.43 13.60
C PRO B 164 -1.14 -13.73 12.48
N VAL B 165 -0.46 -12.83 11.78
CA VAL B 165 -1.04 -12.09 10.65
C VAL B 165 -0.33 -12.55 9.39
N ILE B 166 -1.12 -12.74 8.34
CA ILE B 166 -0.57 -13.05 7.03
C ILE B 166 -0.76 -11.81 6.15
N ALA B 167 0.34 -11.32 5.57
CA ALA B 167 0.27 -10.16 4.66
C ALA B 167 -0.16 -10.60 3.27
N ALA B 168 -1.14 -9.90 2.69
CA ALA B 168 -1.58 -10.20 1.33
C ALA B 168 -1.77 -8.88 0.60
N GLY B 169 -1.44 -8.87 -0.69
CA GLY B 169 -1.67 -7.71 -1.55
C GLY B 169 -0.39 -6.99 -1.87
N GLY B 170 0.08 -7.14 -3.11
CA GLY B 170 1.24 -6.40 -3.59
C GLY B 170 2.54 -7.18 -3.52
N ILE B 171 2.45 -8.47 -3.23
CA ILE B 171 3.65 -9.27 -3.06
C ILE B 171 3.83 -10.20 -4.24
N ALA B 172 4.95 -10.04 -4.94
CA ALA B 172 5.26 -10.89 -6.10
C ALA B 172 6.74 -11.24 -6.28
N ASP B 173 7.59 -10.85 -5.34
CA ASP B 173 8.97 -11.32 -5.32
C ASP B 173 9.52 -11.38 -3.90
N GLY B 174 10.76 -11.79 -3.74
CA GLY B 174 11.35 -11.95 -2.41
C GLY B 174 11.37 -10.64 -1.64
N GLU B 175 11.62 -9.53 -2.34
CA GLU B 175 11.66 -8.20 -1.71
C GLU B 175 10.31 -7.82 -1.10
N GLY B 176 9.24 -7.99 -1.88
CA GLY B 176 7.89 -7.76 -1.38
C GLY B 176 7.57 -8.69 -0.22
N ALA B 177 7.93 -9.97 -0.34
CA ALA B 177 7.74 -10.92 0.75
C ALA B 177 8.51 -10.52 2.01
N ALA B 178 9.77 -10.13 1.87
CA ALA B 178 10.56 -9.68 3.02
C ALA B 178 9.96 -8.44 3.69
N ALA B 179 9.45 -7.50 2.88
CA ALA B 179 8.75 -6.33 3.40
C ALA B 179 7.57 -6.70 4.29
N GLY B 180 6.72 -7.61 3.81
CA GLY B 180 5.62 -8.14 4.62
C GLY B 180 6.06 -8.68 5.99
N PHE B 181 7.16 -9.42 6.03
CA PHE B 181 7.75 -9.85 7.29
C PHE B 181 8.20 -8.70 8.19
N LEU B 183 6.93 -5.81 8.38
CA LEU B 183 5.72 -5.19 8.92
C LEU B 183 5.11 -5.97 10.09
N GLY B 184 5.58 -7.20 10.31
CA GLY B 184 5.12 -8.04 11.43
C GLY B 184 4.25 -9.21 11.02
N ALA B 185 4.19 -9.49 9.72
CA ALA B 185 3.49 -10.68 9.26
C ALA B 185 4.34 -11.91 9.52
N GLU B 186 3.70 -13.06 9.71
CA GLU B 186 4.42 -14.33 9.93
C GLU B 186 4.23 -15.30 8.75
N ALA B 187 3.56 -14.82 7.70
CA ALA B 187 3.48 -15.50 6.42
C ALA B 187 2.98 -14.47 5.41
N VAL B 188 3.07 -14.83 4.13
CA VAL B 188 2.55 -13.99 3.06
C VAL B 188 1.60 -14.79 2.18
N GLN B 189 0.61 -14.09 1.64
CA GLN B 189 -0.32 -14.71 0.71
C GLN B 189 -0.17 -14.00 -0.64
N VAL B 190 -0.03 -14.80 -1.71
CA VAL B 190 0.24 -14.31 -3.07
C VAL B 190 -0.89 -14.75 -4.02
N GLY B 191 -1.45 -13.81 -4.78
CA GLY B 191 -2.51 -14.13 -5.70
C GLY B 191 -2.06 -13.98 -7.13
N THR B 192 -1.92 -12.71 -7.54
CA THR B 192 -1.61 -12.36 -8.92
C THR B 192 -0.49 -13.22 -9.56
N ARG B 193 0.62 -13.38 -8.87
CA ARG B 193 1.75 -14.10 -9.46
C ARG B 193 1.48 -15.58 -9.67
N PHE B 194 0.68 -16.17 -8.80
CA PHE B 194 0.29 -17.57 -9.00
C PHE B 194 -0.64 -17.81 -10.19
N VAL B 195 -1.31 -16.76 -10.66
CA VAL B 195 -2.19 -16.89 -11.85
C VAL B 195 -1.42 -17.36 -13.08
N VAL B 196 -0.15 -16.96 -13.16
CA VAL B 196 0.68 -17.28 -14.35
C VAL B 196 1.54 -18.52 -14.13
N ALA B 197 1.32 -19.20 -13.01
CA ALA B 197 1.98 -20.48 -12.73
C ALA B 197 1.70 -21.46 -13.87
N LYS B 198 2.68 -22.30 -14.19
CA LYS B 198 2.49 -23.30 -15.25
C LYS B 198 1.30 -24.23 -14.95
N GLU B 199 1.06 -24.49 -13.68
CA GLU B 199 -0.04 -25.37 -13.25
C GLU B 199 -1.38 -24.63 -13.15
N SER B 200 -1.35 -23.31 -13.23
CA SER B 200 -2.60 -22.55 -13.30
C SER B 200 -3.32 -22.80 -14.63
N ASN B 201 -4.63 -23.00 -14.55
CA ASN B 201 -5.46 -23.25 -15.73
C ASN B 201 -6.18 -21.98 -16.21
N ALA B 202 -5.76 -20.83 -15.70
CA ALA B 202 -6.21 -19.59 -16.29
C ALA B 202 -5.80 -19.62 -17.75
N HIS B 203 -6.73 -19.23 -18.61
CA HIS B 203 -6.52 -19.25 -20.06
C HIS B 203 -5.24 -18.47 -20.43
N PRO B 204 -4.47 -18.97 -21.43
CA PRO B 204 -3.34 -18.23 -21.95
C PRO B 204 -3.59 -16.72 -22.17
N ASN B 205 -4.78 -16.34 -22.66
CA ASN B 205 -5.11 -14.92 -22.82
C ASN B 205 -5.10 -14.13 -21.50
N TYR B 206 -5.57 -14.76 -20.43
CA TYR B 206 -5.61 -14.17 -19.08
C TYR B 206 -4.19 -13.99 -18.54
N LYS B 207 -3.38 -15.04 -18.70
CA LYS B 207 -1.99 -14.96 -18.28
C LYS B 207 -1.27 -13.85 -19.02
N GLU B 208 -1.51 -13.77 -20.33
CA GLU B 208 -0.86 -12.76 -21.19
C GLU B 208 -1.22 -11.33 -20.78
N LYS B 209 -2.47 -11.11 -20.35
CA LYS B 209 -2.89 -9.82 -19.78
C LYS B 209 -2.04 -9.40 -18.59
N ILE B 210 -1.77 -10.35 -17.69
CA ILE B 210 -0.98 -10.04 -16.51
C ILE B 210 0.47 -9.81 -16.92
N LEU B 211 1.00 -10.70 -17.76
CA LEU B 211 2.39 -10.62 -18.19
C LEU B 211 2.74 -9.31 -18.91
N LYS B 212 1.80 -8.80 -19.71
CA LYS B 212 2.04 -7.56 -20.46
C LYS B 212 1.63 -6.29 -19.69
N ALA B 213 1.01 -6.47 -18.53
CA ALA B 213 0.50 -5.31 -17.79
C ALA B 213 1.62 -4.41 -17.32
N ARG B 214 1.33 -3.12 -17.26
CA ARG B 214 2.23 -2.13 -16.66
C ARG B 214 1.74 -1.79 -15.25
N ASP B 215 2.58 -1.11 -14.47
CA ASP B 215 2.20 -0.71 -13.10
C ASP B 215 0.83 -0.02 -12.99
N ILE B 216 0.48 0.81 -13.97
CA ILE B 216 -0.72 1.65 -13.92
C ILE B 216 -1.96 1.01 -14.57
N ASP B 217 -1.85 -0.25 -14.95
CA ASP B 217 -2.88 -0.88 -15.78
C ASP B 217 -4.05 -1.52 -15.02
N THR B 218 -4.07 -1.42 -13.69
CA THR B 218 -5.27 -1.84 -12.97
C THR B 218 -6.18 -0.65 -12.67
N THR B 219 -7.43 -0.93 -12.34
CA THR B 219 -8.40 0.07 -11.98
C THR B 219 -9.39 -0.53 -10.98
N ILE B 220 -10.07 0.34 -10.22
CA ILE B 220 -11.11 -0.09 -9.29
C ILE B 220 -12.48 0.21 -9.92
N SER B 221 -13.30 -0.82 -10.03
CA SER B 221 -14.67 -0.69 -10.52
C SER B 221 -15.69 -0.70 -9.40
N ALA B 222 -16.79 0.01 -9.64
CA ALA B 222 -18.03 -0.06 -8.85
C ALA B 222 -17.98 0.63 -7.49
N GLN B 223 -17.05 1.58 -7.31
CA GLN B 223 -16.94 2.36 -6.07
C GLN B 223 -18.16 3.23 -5.76
N HIS B 224 -18.82 3.76 -6.81
CA HIS B 224 -20.02 4.60 -6.60
C HIS B 224 -21.19 3.78 -6.05
N PHE B 225 -21.23 2.51 -6.45
CA PHE B 225 -22.18 1.54 -5.89
C PHE B 225 -21.70 0.96 -4.55
N GLY B 226 -20.44 1.25 -4.20
CA GLY B 226 -19.81 0.73 -2.98
C GLY B 226 -19.43 -0.74 -3.05
N HIS B 227 -18.85 -1.17 -4.18
CA HIS B 227 -18.55 -2.59 -4.43
C HIS B 227 -17.20 -2.83 -5.11
N ALA B 228 -16.15 -2.28 -4.52
CA ALA B 228 -14.82 -2.12 -5.14
C ALA B 228 -14.11 -3.40 -5.59
N VAL B 229 -13.84 -3.47 -6.89
CA VAL B 229 -13.16 -4.63 -7.49
C VAL B 229 -11.95 -4.18 -8.34
N ARG B 230 -10.78 -4.70 -8.01
CA ARG B 230 -9.57 -4.35 -8.76
C ARG B 230 -9.29 -5.34 -9.89
N ALA B 231 -9.12 -4.81 -11.10
CA ALA B 231 -8.89 -5.62 -12.30
C ALA B 231 -8.08 -4.87 -13.34
N ILE B 232 -7.50 -5.61 -14.26
CA ILE B 232 -6.78 -5.00 -15.38
C ILE B 232 -7.78 -4.28 -16.30
N LYS B 233 -7.43 -3.05 -16.66
CA LYS B 233 -8.28 -2.24 -17.53
C LYS B 233 -8.55 -2.97 -18.85
N ASN B 234 -9.81 -2.95 -19.26
CA ASN B 234 -10.22 -3.55 -20.51
C ASN B 234 -11.59 -3.00 -20.90
N GLN B 235 -12.20 -3.59 -21.92
CA GLN B 235 -13.47 -3.08 -22.38
C GLN B 235 -14.55 -3.14 -21.29
N LEU B 236 -14.56 -4.23 -20.52
CA LEU B 236 -15.49 -4.39 -19.41
C LEU B 236 -15.39 -3.26 -18.38
N THR B 237 -14.17 -2.94 -17.94
CA THR B 237 -14.00 -1.88 -16.95
C THR B 237 -14.38 -0.50 -17.53
N ARG B 238 -14.05 -0.26 -18.81
CA ARG B 238 -14.48 0.98 -19.49
C ARG B 238 -15.99 1.05 -19.59
N ASP B 239 -16.63 -0.06 -19.95
CA ASP B 239 -18.08 -0.16 -20.05
C ASP B 239 -18.76 0.11 -18.71
N PHE B 240 -18.27 -0.57 -17.67
CA PHE B 240 -18.83 -0.47 -16.33
C PHE B 240 -18.76 0.97 -15.82
N GLU B 241 -17.61 1.60 -16.01
CA GLU B 241 -17.41 2.98 -15.60
C GLU B 241 -18.34 3.95 -16.32
N LEU B 242 -18.42 3.84 -17.65
CA LEU B 242 -19.31 4.69 -18.44
C LEU B 242 -20.76 4.48 -18.03
N ALA B 243 -21.14 3.22 -17.82
CA ALA B 243 -22.50 2.86 -17.41
C ALA B 243 -22.83 3.41 -16.03
N GLU B 244 -21.85 3.36 -15.14
CA GLU B 244 -21.98 3.89 -13.78
C GLU B 244 -22.24 5.40 -13.81
N LYS B 245 -21.41 6.13 -14.56
CA LYS B 245 -21.61 7.58 -14.75
C LYS B 245 -22.99 7.92 -15.30
N ASP B 246 -23.42 7.17 -16.33
CA ASP B 246 -24.72 7.38 -16.94
C ASP B 246 -25.87 7.10 -15.98
N ALA B 247 -25.76 5.99 -15.24
CA ALA B 247 -26.83 5.56 -14.32
C ALA B 247 -27.14 6.60 -13.25
N PHE B 248 -26.10 7.19 -12.67
CA PHE B 248 -26.28 8.17 -11.58
C PHE B 248 -26.89 9.49 -12.04
N LYS B 249 -26.95 9.70 -13.35
CA LYS B 249 -27.60 10.87 -13.93
C LYS B 249 -29.09 10.65 -14.14
N GLN B 250 -29.54 9.41 -13.94
CA GLN B 250 -30.94 9.04 -14.16
C GLN B 250 -31.72 8.99 -12.84
N GLU B 251 -33.02 9.28 -12.92
CA GLU B 251 -33.92 9.20 -11.78
C GLU B 251 -34.07 7.75 -11.31
N ASP B 252 -34.38 6.87 -12.26
CA ASP B 252 -34.66 5.47 -11.97
C ASP B 252 -33.94 4.58 -12.98
N PRO B 253 -32.60 4.46 -12.87
CA PRO B 253 -31.84 3.69 -13.85
C PRO B 253 -32.11 2.19 -13.78
N ASP B 254 -32.09 1.52 -14.93
CA ASP B 254 -32.18 0.07 -14.98
C ASP B 254 -30.83 -0.53 -14.56
N LEU B 255 -30.81 -1.14 -13.38
CA LEU B 255 -29.59 -1.70 -12.81
C LEU B 255 -29.27 -3.11 -13.31
N GLU B 256 -30.09 -3.59 -14.24
CA GLU B 256 -29.92 -4.90 -14.87
C GLU B 256 -28.74 -4.93 -15.83
N ILE B 257 -28.39 -3.76 -16.37
CA ILE B 257 -27.19 -3.56 -17.19
C ILE B 257 -25.92 -3.97 -16.45
N PHE B 258 -25.86 -3.69 -15.15
CA PHE B 258 -24.68 -3.98 -14.33
C PHE B 258 -24.57 -5.46 -13.99
N GLU B 259 -25.71 -6.09 -13.71
CA GLU B 259 -25.73 -7.53 -13.42
C GLU B 259 -25.57 -8.37 -14.69
N GLN B 260 -25.86 -7.81 -15.85
CA GLN B 260 -25.63 -8.51 -17.13
C GLN B 260 -24.17 -8.40 -17.58
N GLY B 262 -21.55 -7.96 -15.37
CA GLY B 262 -20.73 -8.64 -14.37
C GLY B 262 -20.98 -10.12 -14.19
N ALA B 263 -22.17 -10.59 -14.55
CA ALA B 263 -22.49 -12.01 -14.33
C ALA B 263 -21.62 -12.94 -15.20
N GLY B 264 -20.88 -13.82 -14.51
CA GLY B 264 -19.99 -14.77 -15.16
C GLY B 264 -18.79 -14.13 -15.84
N ALA B 265 -18.52 -12.88 -15.53
CA ALA B 265 -17.44 -12.12 -16.18
C ALA B 265 -16.06 -12.70 -15.88
N LEU B 266 -15.80 -13.03 -14.61
CA LEU B 266 -14.53 -13.64 -14.23
C LEU B 266 -14.36 -15.00 -14.91
N ALA B 267 -15.42 -15.81 -14.89
CA ALA B 267 -15.37 -17.15 -15.49
C ALA B 267 -15.06 -17.10 -16.99
N LYS B 268 -15.70 -16.16 -17.69
CA LYS B 268 -15.46 -15.92 -19.12
C LYS B 268 -13.98 -15.66 -19.39
N ALA B 269 -13.38 -14.80 -18.56
CA ALA B 269 -11.98 -14.46 -18.72
C ALA B 269 -11.06 -15.64 -18.34
N VAL B 270 -11.31 -16.25 -17.19
CA VAL B 270 -10.43 -17.31 -16.65
C VAL B 270 -10.47 -18.61 -17.47
N VAL B 271 -11.67 -19.11 -17.72
CA VAL B 271 -11.82 -20.40 -18.42
C VAL B 271 -11.66 -20.24 -19.95
N HIS B 272 -12.30 -19.21 -20.51
CA HIS B 272 -12.42 -19.08 -21.97
C HIS B 272 -11.54 -18.00 -22.59
N GLY B 273 -10.85 -17.23 -21.76
CA GLY B 273 -9.91 -16.24 -22.25
C GLY B 273 -10.54 -15.03 -22.91
N ASP B 274 -11.78 -14.73 -22.56
CA ASP B 274 -12.39 -13.46 -22.97
C ASP B 274 -11.89 -12.35 -22.05
N VAL B 275 -10.77 -11.77 -22.44
CA VAL B 275 -10.09 -10.76 -21.66
C VAL B 275 -10.48 -9.33 -22.08
N ASP B 276 -11.47 -9.25 -22.99
CA ASP B 276 -12.07 -7.96 -23.37
C ASP B 276 -13.42 -7.75 -22.71
N GLY B 277 -14.26 -8.78 -22.73
CA GLY B 277 -15.60 -8.69 -22.18
C GLY B 277 -15.68 -9.29 -20.78
N GLY B 278 -14.66 -10.06 -20.40
CA GLY B 278 -14.61 -10.64 -19.08
C GLY B 278 -13.86 -9.77 -18.07
N SER B 279 -13.82 -10.24 -16.83
CA SER B 279 -13.16 -9.51 -15.74
C SER B 279 -11.79 -10.11 -15.46
N VAL B 280 -10.76 -9.32 -15.74
CA VAL B 280 -9.38 -9.77 -15.53
C VAL B 280 -8.89 -9.27 -14.15
N ALA B 282 -6.81 -8.76 -11.03
CA ALA B 282 -5.37 -8.84 -10.81
C ALA B 282 -4.99 -7.66 -9.93
N GLY B 283 -3.88 -7.79 -9.22
CA GLY B 283 -3.41 -6.73 -8.34
C GLY B 283 -2.51 -5.72 -9.03
N GLN B 284 -2.26 -4.61 -8.35
CA GLN B 284 -1.34 -3.59 -8.84
C GLN B 284 0.05 -4.11 -9.15
N ILE B 285 0.45 -5.18 -8.46
CA ILE B 285 1.76 -5.82 -8.66
C ILE B 285 1.86 -6.61 -10.01
N ALA B 286 0.76 -6.68 -10.77
CA ALA B 286 0.72 -7.31 -12.10
C ALA B 286 1.86 -6.79 -13.00
N GLY B 287 2.19 -5.52 -12.86
CA GLY B 287 3.27 -4.91 -13.64
C GLY B 287 4.61 -5.56 -13.39
N LEU B 288 4.81 -6.13 -12.21
CA LEU B 288 6.08 -6.76 -11.87
C LEU B 288 6.14 -8.20 -12.37
N VAL B 289 4.99 -8.79 -12.64
CA VAL B 289 4.90 -10.20 -13.03
C VAL B 289 5.19 -10.35 -14.51
N SER B 290 6.31 -11.00 -14.81
CA SER B 290 6.86 -10.98 -16.17
C SER B 290 7.22 -12.38 -16.71
N LYS B 291 6.95 -13.40 -15.92
CA LYS B 291 7.47 -14.74 -16.18
C LYS B 291 6.42 -15.80 -15.88
N GLU B 292 6.29 -16.79 -16.77
CA GLU B 292 5.53 -18.00 -16.47
C GLU B 292 6.50 -19.03 -15.92
N GLU B 293 6.22 -19.49 -14.70
CA GLU B 293 7.09 -20.42 -13.96
C GLU B 293 6.23 -21.49 -13.27
N THR B 294 6.85 -22.56 -12.78
CA THR B 294 6.13 -23.56 -11.98
C THR B 294 5.80 -22.97 -10.60
N ALA B 295 4.74 -23.50 -9.98
CA ALA B 295 4.42 -23.16 -8.59
C ALA B 295 5.62 -23.25 -7.67
N GLU B 296 6.41 -24.33 -7.81
CA GLU B 296 7.58 -24.54 -6.96
C GLU B 296 8.64 -23.43 -7.14
N GLU B 297 8.89 -23.07 -8.40
CA GLU B 297 9.84 -22.00 -8.74
C GLU B 297 9.39 -20.67 -8.17
N ILE B 298 8.08 -20.38 -8.25
CA ILE B 298 7.52 -19.17 -7.64
C ILE B 298 7.70 -19.20 -6.12
N LEU B 299 7.30 -20.29 -5.46
CA LEU B 299 7.53 -20.43 -4.02
C LEU B 299 8.98 -20.19 -3.63
N LYS B 300 9.90 -20.83 -4.36
CA LYS B 300 11.32 -20.73 -4.02
C LYS B 300 11.89 -19.33 -4.28
N ASP B 301 11.45 -18.69 -5.36
CA ASP B 301 11.83 -17.30 -5.62
C ASP B 301 11.39 -16.38 -4.48
N LEU B 302 10.12 -16.50 -4.08
CA LEU B 302 9.58 -15.73 -2.98
C LEU B 302 10.34 -15.94 -1.68
N TYR B 303 10.56 -17.22 -1.34
CA TYR B 303 11.15 -17.60 -0.06
C TYR B 303 12.65 -17.34 0.01
N TYR B 304 13.39 -17.90 -0.95
CA TYR B 304 14.84 -17.69 -0.98
C TYR B 304 15.21 -16.27 -1.40
N GLY B 305 14.36 -15.64 -2.21
CA GLY B 305 14.53 -14.22 -2.56
C GLY B 305 14.41 -13.33 -1.33
N ALA B 306 13.47 -13.67 -0.45
CA ALA B 306 13.28 -12.95 0.81
C ALA B 306 14.48 -13.14 1.73
N ALA B 307 14.93 -14.39 1.87
CA ALA B 307 16.10 -14.70 2.70
C ALA B 307 17.32 -13.92 2.25
N LYS B 308 17.55 -13.89 0.92
CA LYS B 308 18.68 -13.18 0.32
C LYS B 308 18.61 -11.68 0.58
N LYS B 309 17.44 -11.09 0.37
CA LYS B 309 17.26 -9.66 0.63
C LYS B 309 17.50 -9.30 2.10
N ILE B 310 16.96 -10.11 3.02
CA ILE B 310 17.13 -9.90 4.47
C ILE B 310 18.60 -10.02 4.88
N GLN B 311 19.29 -11.00 4.34
CA GLN B 311 20.71 -11.19 4.61
C GLN B 311 21.55 -10.01 4.06
N GLU B 312 21.22 -9.54 2.87
CA GLU B 312 21.89 -8.38 2.26
C GLU B 312 21.70 -7.11 3.10
N GLU B 313 20.47 -6.86 3.51
CA GLU B 313 20.15 -5.69 4.32
C GLU B 313 20.74 -5.79 5.73
N ALA B 314 20.77 -7.00 6.28
CA ALA B 314 21.42 -7.24 7.56
C ALA B 314 22.90 -6.83 7.51
N SER B 315 23.57 -7.13 6.40
CA SER B 315 24.97 -6.76 6.22
C SER B 315 25.14 -5.25 6.14
N ARG B 316 24.17 -4.56 5.54
CA ARG B 316 24.19 -3.09 5.52
C ARG B 316 23.99 -2.50 6.92
N TRP B 317 23.07 -3.09 7.69
CA TRP B 317 22.63 -2.50 8.96
C TRP B 317 23.36 -3.03 10.19
N THR B 318 24.25 -4.00 10.02
CA THR B 318 24.86 -4.66 11.18
C THR B 318 25.66 -3.67 12.01
N GLY B 319 25.60 -3.83 13.33
CA GLY B 319 26.34 -2.98 14.25
C GLY B 319 25.66 -1.67 14.62
N VAL B 320 24.50 -1.40 14.01
CA VAL B 320 23.72 -0.22 14.35
C VAL B 320 22.90 -0.52 15.61
N VAL B 321 23.25 0.17 16.69
CA VAL B 321 22.58 -0.01 17.98
C VAL B 321 22.53 1.31 18.75
#